data_1QPC
#
_entry.id   1QPC
#
_cell.length_a   42.110
_cell.length_b   73.710
_cell.length_c   91.710
_cell.angle_alpha   90.00
_cell.angle_beta   90.00
_cell.angle_gamma   90.00
#
_symmetry.space_group_name_H-M   'P 21 21 21'
#
loop_
_entity.id
_entity.type
_entity.pdbx_description
1 polymer 'Tyrosine-protein kinase Lck'
2 non-polymer 'SULFATE ION'
3 non-polymer 'PHOSPHOAMINOPHOSPHONIC ACID-ADENYLATE ESTER'
4 non-polymer 1,2-ETHANEDIOL
5 water water
#
_entity_poly.entity_id   1
_entity_poly.type   'polypeptide(L)'
_entity_poly.pdbx_seq_one_letter_code
;KPWWEDEWEVPRETLKLVERLGAGQFGEVWMGYYNGHTKVAVKSLKQGSMSPDAFLAEANLMKQLQHQRLVRLYAVVTQE
PIYIITEYMENGSLVDFLKTPSGIKLTINKLLDMAAQIAEGMAFIEERNYIHRDLRAANILVSDTLSCKIADFGLARLIE
DNE(PTR)TAREGAKFPIKWTAPEAINYGTFTIKSDVWSFGILLTEIVTHGRIPYPGMTNPEVIQNLERGYRMVRPDNCP
EELYQLMRLCWKERPEDRPTFDYLRSVLEDFFTATEGQYQPQP
;
_entity_poly.pdbx_strand_id   A
#
# COMPACT_ATOMS: atom_id res chain seq x y z
N LYS A 1 -17.58 -18.00 7.00
CA LYS A 1 -18.10 -18.90 8.08
C LYS A 1 -18.51 -18.09 9.27
N PRO A 2 -19.40 -18.64 10.12
CA PRO A 2 -19.84 -17.91 11.32
C PRO A 2 -18.66 -17.79 12.26
N TRP A 3 -18.73 -16.81 13.13
CA TRP A 3 -17.59 -16.53 14.02
C TRP A 3 -17.19 -17.72 14.88
N TRP A 4 -18.13 -18.59 15.25
CA TRP A 4 -17.80 -19.74 16.09
C TRP A 4 -17.12 -20.87 15.34
N GLU A 5 -17.05 -20.73 14.02
CA GLU A 5 -16.38 -21.70 13.16
C GLU A 5 -15.19 -21.03 12.48
N ASP A 6 -15.16 -19.69 12.45
CA ASP A 6 -14.08 -18.97 11.77
C ASP A 6 -12.71 -19.12 12.45
N GLU A 7 -11.73 -19.50 11.65
CA GLU A 7 -10.36 -19.67 12.09
C GLU A 7 -9.69 -18.38 12.61
N TRP A 8 -10.26 -17.24 12.27
CA TRP A 8 -9.66 -15.97 12.69
C TRP A 8 -10.27 -15.30 13.91
N GLU A 9 -11.47 -15.73 14.34
CA GLU A 9 -12.10 -15.09 15.49
C GLU A 9 -11.35 -15.48 16.76
N VAL A 10 -11.09 -14.48 17.62
CA VAL A 10 -10.43 -14.73 18.90
C VAL A 10 -11.14 -13.95 20.02
N PRO A 11 -11.18 -14.54 21.25
CA PRO A 11 -11.81 -13.84 22.36
C PRO A 11 -11.04 -12.54 22.64
N ARG A 12 -11.73 -11.45 22.93
CA ARG A 12 -11.03 -10.19 23.22
C ARG A 12 -10.03 -10.25 24.39
N GLU A 13 -10.24 -11.18 25.32
CA GLU A 13 -9.35 -11.33 26.46
C GLU A 13 -7.93 -11.77 26.08
N THR A 14 -7.75 -12.25 24.85
CA THR A 14 -6.44 -12.69 24.38
C THR A 14 -5.56 -11.50 24.00
N LEU A 15 -6.14 -10.31 23.99
CA LEU A 15 -5.36 -9.13 23.59
C LEU A 15 -5.13 -8.09 24.65
N LYS A 16 -3.91 -7.58 24.71
CA LYS A 16 -3.53 -6.50 25.63
C LYS A 16 -3.05 -5.39 24.70
N LEU A 17 -3.74 -4.24 24.74
CA LEU A 17 -3.37 -3.09 23.89
C LEU A 17 -2.41 -2.27 24.73
N VAL A 18 -1.22 -2.02 24.18
CA VAL A 18 -0.13 -1.36 24.93
C VAL A 18 0.22 0.07 24.58
N GLU A 19 0.33 0.35 23.30
CA GLU A 19 0.71 1.68 22.85
C GLU A 19 -0.12 2.10 21.66
N ARG A 20 -0.72 3.27 21.72
CA ARG A 20 -1.51 3.74 20.58
C ARG A 20 -0.57 4.37 19.55
N LEU A 21 -0.67 3.87 18.31
CA LEU A 21 0.14 4.33 17.21
C LEU A 21 -0.55 5.40 16.39
N GLY A 22 -1.88 5.37 16.40
CA GLY A 22 -2.61 6.34 15.59
C GLY A 22 -4.05 6.41 16.01
N ALA A 23 -4.65 7.55 15.73
CA ALA A 23 -6.05 7.79 16.06
C ALA A 23 -6.64 8.64 14.96
N GLY A 24 -7.84 8.26 14.55
CA GLY A 24 -8.52 9.00 13.52
C GLY A 24 -10.01 8.94 13.72
N GLN A 25 -10.69 9.45 12.71
CA GLN A 25 -12.12 9.49 12.72
C GLN A 25 -12.82 8.15 12.78
N PHE A 26 -12.18 7.13 12.24
CA PHE A 26 -12.82 5.83 12.20
C PHE A 26 -12.28 4.87 13.25
N GLY A 27 -11.38 5.37 14.08
CA GLY A 27 -10.82 4.52 15.11
C GLY A 27 -9.35 4.71 15.45
N GLU A 28 -8.78 3.65 16.04
CA GLU A 28 -7.41 3.70 16.49
C GLU A 28 -6.58 2.49 16.04
N VAL A 29 -5.28 2.66 16.06
CA VAL A 29 -4.34 1.58 15.74
C VAL A 29 -3.42 1.51 16.94
N TRP A 30 -3.26 0.29 17.48
CA TRP A 30 -2.42 0.09 18.65
C TRP A 30 -1.42 -1.04 18.47
N MET A 31 -0.31 -0.93 19.17
CA MET A 31 0.61 -2.05 19.23
C MET A 31 0.10 -2.80 20.48
N GLY A 32 0.07 -4.11 20.41
CA GLY A 32 -0.40 -4.87 21.58
C GLY A 32 0.18 -6.27 21.51
N TYR A 33 -0.25 -7.11 22.45
CA TYR A 33 0.24 -8.49 22.47
C TYR A 33 -0.93 -9.47 22.50
N TYR A 34 -0.79 -10.55 21.75
CA TYR A 34 -1.77 -11.64 21.71
C TYR A 34 -1.21 -12.77 22.59
N ASN A 35 -2.02 -13.18 23.55
CA ASN A 35 -1.65 -14.28 24.48
C ASN A 35 -0.29 -14.01 25.14
N GLY A 36 -0.12 -12.77 25.54
CA GLY A 36 1.06 -12.35 26.29
C GLY A 36 2.36 -12.14 25.56
N HIS A 37 2.68 -13.01 24.60
CA HIS A 37 3.99 -12.97 23.96
C HIS A 37 4.12 -12.54 22.52
N THR A 38 3.01 -12.44 21.80
CA THR A 38 3.14 -12.20 20.35
C THR A 38 2.68 -10.78 20.01
N LYS A 39 3.64 -9.96 19.55
CA LYS A 39 3.40 -8.56 19.25
C LYS A 39 2.53 -8.51 18.01
N VAL A 40 1.50 -7.68 18.07
CA VAL A 40 0.55 -7.52 16.95
C VAL A 40 0.10 -6.07 16.83
N ALA A 41 -0.47 -5.71 15.68
CA ALA A 41 -1.08 -4.40 15.51
C ALA A 41 -2.61 -4.64 15.60
N VAL A 42 -3.31 -3.73 16.28
CA VAL A 42 -4.76 -3.88 16.44
C VAL A 42 -5.44 -2.63 15.95
N LYS A 43 -6.34 -2.76 14.98
CA LYS A 43 -7.10 -1.61 14.49
C LYS A 43 -8.50 -1.73 15.07
N SER A 44 -8.96 -0.70 15.76
CA SER A 44 -10.27 -0.73 16.39
C SER A 44 -11.19 0.24 15.66
N LEU A 45 -12.46 -0.14 15.55
CA LEU A 45 -13.49 0.64 14.89
C LEU A 45 -14.21 1.46 15.92
N LYS A 46 -14.27 2.75 15.64
CA LYS A 46 -15.00 3.69 16.49
C LYS A 46 -16.47 3.47 16.19
N GLN A 47 -17.21 2.95 17.17
CA GLN A 47 -18.63 2.65 17.00
C GLN A 47 -19.41 3.82 16.44
N GLY A 48 -20.14 3.58 15.35
CA GLY A 48 -20.92 4.64 14.71
C GLY A 48 -20.23 5.50 13.68
N SER A 49 -18.91 5.43 13.62
CA SER A 49 -18.14 6.25 12.68
C SER A 49 -18.20 5.78 11.23
N MET A 50 -18.56 4.52 11.05
CA MET A 50 -18.67 3.91 9.73
C MET A 50 -19.27 2.53 9.93
N SER A 51 -19.77 1.94 8.87
CA SER A 51 -20.37 0.64 8.95
C SER A 51 -19.44 -0.47 9.45
N PRO A 52 -19.91 -1.31 10.37
CA PRO A 52 -19.05 -2.39 10.82
C PRO A 52 -18.82 -3.39 9.67
N ASP A 53 -19.78 -3.49 8.75
CA ASP A 53 -19.64 -4.37 7.61
C ASP A 53 -18.52 -3.83 6.71
N ALA A 54 -18.51 -2.51 6.45
CA ALA A 54 -17.47 -1.94 5.62
C ALA A 54 -16.12 -2.15 6.28
N PHE A 55 -16.07 -1.92 7.58
CA PHE A 55 -14.83 -2.10 8.34
C PHE A 55 -14.30 -3.54 8.19
N LEU A 56 -15.16 -4.53 8.40
CA LEU A 56 -14.73 -5.94 8.35
C LEU A 56 -14.47 -6.46 6.97
N ALA A 57 -15.02 -5.77 5.98
CA ALA A 57 -14.78 -6.21 4.61
C ALA A 57 -13.29 -6.32 4.27
N GLU A 58 -12.48 -5.46 4.91
CA GLU A 58 -11.05 -5.48 4.66
C GLU A 58 -10.45 -6.77 5.20
N ALA A 59 -10.87 -7.15 6.41
CA ALA A 59 -10.36 -8.39 6.98
C ALA A 59 -10.78 -9.61 6.12
N ASN A 60 -12.02 -9.63 5.64
CA ASN A 60 -12.47 -10.75 4.82
C ASN A 60 -11.61 -10.88 3.54
N LEU A 61 -11.23 -9.74 2.96
CA LEU A 61 -10.38 -9.77 1.77
C LEU A 61 -9.01 -10.32 2.11
N MET A 62 -8.49 -9.90 3.26
CA MET A 62 -7.16 -10.35 3.66
C MET A 62 -7.08 -11.85 3.88
N LYS A 63 -8.21 -12.49 4.17
CA LYS A 63 -8.25 -13.96 4.34
C LYS A 63 -7.90 -14.64 3.02
N GLN A 64 -8.24 -13.99 1.90
CA GLN A 64 -7.96 -14.49 0.55
C GLN A 64 -6.62 -14.08 -0.05
N LEU A 65 -5.96 -13.12 0.57
CA LEU A 65 -4.71 -12.64 0.02
C LEU A 65 -3.62 -12.80 1.02
N GLN A 66 -3.10 -14.01 1.10
CA GLN A 66 -2.04 -14.30 2.03
C GLN A 66 -0.75 -14.56 1.30
N HIS A 67 0.30 -13.80 1.65
CA HIS A 67 1.61 -13.96 1.03
C HIS A 67 2.66 -13.30 1.94
N GLN A 68 3.88 -13.78 1.90
CA GLN A 68 4.96 -13.17 2.70
C GLN A 68 5.15 -11.67 2.53
N ARG A 69 4.84 -11.19 1.32
CA ARG A 69 5.03 -9.79 1.03
C ARG A 69 3.82 -8.91 1.31
N LEU A 70 2.77 -9.44 1.92
CA LEU A 70 1.58 -8.66 2.24
C LEU A 70 1.37 -8.78 3.76
N VAL A 71 1.02 -7.68 4.41
CA VAL A 71 0.78 -7.71 5.86
C VAL A 71 -0.32 -8.76 6.10
N ARG A 72 -0.03 -9.70 6.99
CA ARG A 72 -0.94 -10.83 7.24
C ARG A 72 -2.03 -10.58 8.28
N LEU A 73 -3.26 -10.97 7.97
CA LEU A 73 -4.32 -10.91 8.98
C LEU A 73 -4.02 -11.99 10.05
N TYR A 74 -4.14 -11.58 11.31
CA TYR A 74 -3.87 -12.45 12.45
C TYR A 74 -5.17 -12.96 13.05
N ALA A 75 -6.12 -12.05 13.28
CA ALA A 75 -7.39 -12.39 13.94
C ALA A 75 -8.38 -11.25 13.81
N VAL A 76 -9.60 -11.49 14.28
CA VAL A 76 -10.64 -10.47 14.30
C VAL A 76 -11.47 -10.70 15.57
N VAL A 77 -12.06 -9.62 16.06
CA VAL A 77 -12.98 -9.67 17.21
C VAL A 77 -14.19 -8.98 16.61
N THR A 78 -15.25 -9.76 16.36
CA THR A 78 -16.42 -9.17 15.70
C THR A 78 -17.56 -8.59 16.53
N GLN A 79 -17.37 -8.48 17.83
CA GLN A 79 -18.33 -7.85 18.73
C GLN A 79 -17.81 -6.43 18.98
N GLU A 80 -18.70 -5.45 19.06
CA GLU A 80 -18.26 -4.05 19.27
C GLU A 80 -17.54 -3.82 20.63
N PRO A 81 -16.40 -3.07 20.63
CA PRO A 81 -15.76 -2.43 19.47
C PRO A 81 -15.01 -3.48 18.66
N ILE A 82 -15.25 -3.47 17.38
CA ILE A 82 -14.65 -4.43 16.47
C ILE A 82 -13.18 -4.22 16.31
N TYR A 83 -12.43 -5.33 16.32
CA TYR A 83 -10.99 -5.23 16.09
C TYR A 83 -10.54 -6.06 14.91
N ILE A 84 -9.56 -5.55 14.19
CA ILE A 84 -8.87 -6.32 13.14
C ILE A 84 -7.41 -6.37 13.64
N ILE A 85 -6.87 -7.57 13.82
CA ILE A 85 -5.51 -7.75 14.34
C ILE A 85 -4.62 -8.25 13.22
N THR A 86 -3.45 -7.61 13.05
CA THR A 86 -2.56 -8.01 11.98
C THR A 86 -1.12 -8.17 12.40
N GLU A 87 -0.33 -8.64 11.46
CA GLU A 87 1.12 -8.79 11.64
C GLU A 87 1.73 -7.41 12.00
N TYR A 88 2.60 -7.39 13.01
CA TYR A 88 3.23 -6.13 13.43
C TYR A 88 4.50 -5.89 12.62
N MET A 89 4.65 -4.64 12.18
CA MET A 89 5.81 -4.26 11.36
C MET A 89 6.55 -3.19 12.17
N GLU A 90 7.71 -3.54 12.67
CA GLU A 90 8.40 -2.70 13.64
C GLU A 90 8.76 -1.33 13.21
N ASN A 91 9.10 -1.17 11.93
CA ASN A 91 9.54 0.13 11.44
C ASN A 91 8.43 0.97 10.83
N GLY A 92 7.18 0.52 10.96
CA GLY A 92 6.05 1.35 10.56
C GLY A 92 5.96 1.61 9.06
N SER A 93 5.36 2.73 8.69
CA SER A 93 5.16 3.01 7.26
C SER A 93 6.46 3.45 6.62
N LEU A 94 6.63 3.05 5.38
CA LEU A 94 7.83 3.34 4.63
C LEU A 94 8.02 4.88 4.50
N VAL A 95 6.93 5.61 4.27
CA VAL A 95 7.04 7.07 4.09
C VAL A 95 7.64 7.71 5.33
N ASP A 96 7.37 7.15 6.52
CA ASP A 96 7.93 7.67 7.75
C ASP A 96 9.34 7.12 8.02
N PHE A 97 9.55 5.85 7.69
CA PHE A 97 10.84 5.21 7.94
C PHE A 97 11.99 5.85 7.16
N LEU A 98 11.70 6.22 5.90
CA LEU A 98 12.72 6.80 5.05
C LEU A 98 13.22 8.14 5.56
N LYS A 99 12.48 8.74 6.49
CA LYS A 99 12.85 10.05 7.07
C LYS A 99 13.63 9.91 8.38
N THR A 100 13.62 8.73 8.99
CA THR A 100 14.38 8.54 10.24
C THR A 100 15.88 8.48 9.93
N PRO A 101 16.75 8.58 10.97
CA PRO A 101 18.19 8.49 10.71
C PRO A 101 18.62 7.24 9.96
N SER A 102 18.04 6.09 10.33
CA SER A 102 18.34 4.82 9.70
C SER A 102 17.89 4.87 8.25
N GLY A 103 16.70 5.42 8.04
CA GLY A 103 16.17 5.51 6.68
C GLY A 103 17.04 6.42 5.81
N ILE A 104 17.43 7.56 6.36
CA ILE A 104 18.26 8.49 5.61
C ILE A 104 19.61 7.89 5.18
N LYS A 105 20.15 6.97 5.95
CA LYS A 105 21.44 6.40 5.56
C LYS A 105 21.38 5.27 4.52
N LEU A 106 20.17 4.92 4.08
CA LEU A 106 20.09 3.81 3.12
C LEU A 106 20.72 4.11 1.78
N THR A 107 21.39 3.10 1.23
CA THR A 107 22.05 3.23 -0.06
C THR A 107 21.01 3.08 -1.17
N ILE A 108 21.34 3.57 -2.37
CA ILE A 108 20.41 3.40 -3.50
C ILE A 108 20.16 1.89 -3.71
N ASN A 109 21.17 1.05 -3.49
CA ASN A 109 21.00 -0.40 -3.65
C ASN A 109 19.89 -0.88 -2.71
N LYS A 110 19.91 -0.45 -1.44
CA LYS A 110 18.89 -0.96 -0.53
C LYS A 110 17.53 -0.43 -0.91
N LEU A 111 17.49 0.83 -1.39
CA LEU A 111 16.21 1.39 -1.82
C LEU A 111 15.65 0.60 -3.01
N LEU A 112 16.51 0.16 -3.92
CA LEU A 112 16.10 -0.62 -5.11
C LEU A 112 15.60 -1.98 -4.64
N ASP A 113 16.29 -2.55 -3.65
CA ASP A 113 15.85 -3.82 -3.06
C ASP A 113 14.43 -3.66 -2.52
N MET A 114 14.18 -2.68 -1.66
CA MET A 114 12.85 -2.45 -1.13
C MET A 114 11.82 -2.25 -2.25
N ALA A 115 12.19 -1.51 -3.30
CA ALA A 115 11.30 -1.28 -4.44
C ALA A 115 10.91 -2.65 -5.08
N ALA A 116 11.88 -3.52 -5.29
CA ALA A 116 11.63 -4.87 -5.83
C ALA A 116 10.74 -5.67 -4.90
N GLN A 117 10.94 -5.52 -3.58
CA GLN A 117 10.07 -6.26 -2.64
C GLN A 117 8.63 -5.88 -2.80
N ILE A 118 8.37 -4.57 -2.96
CA ILE A 118 7.03 -4.09 -3.11
C ILE A 118 6.48 -4.59 -4.46
N ALA A 119 7.27 -4.53 -5.52
CA ALA A 119 6.81 -5.01 -6.85
C ALA A 119 6.47 -6.52 -6.71
N GLU A 120 7.24 -7.26 -5.91
CA GLU A 120 6.96 -8.69 -5.74
C GLU A 120 5.61 -8.88 -5.04
N GLY A 121 5.30 -8.07 -4.01
CA GLY A 121 4.00 -8.17 -3.38
C GLY A 121 2.90 -7.82 -4.38
N MET A 122 3.11 -6.75 -5.13
CA MET A 122 2.08 -6.40 -6.09
C MET A 122 1.93 -7.42 -7.21
N ALA A 123 2.96 -8.21 -7.54
CA ALA A 123 2.84 -9.24 -8.60
C ALA A 123 1.94 -10.33 -8.06
N PHE A 124 1.99 -10.59 -6.76
CA PHE A 124 1.08 -11.60 -6.19
C PHE A 124 -0.36 -11.11 -6.32
N ILE A 125 -0.64 -9.84 -5.95
CA ILE A 125 -1.97 -9.25 -6.01
C ILE A 125 -2.48 -9.30 -7.46
N GLU A 126 -1.56 -9.05 -8.38
CA GLU A 126 -1.85 -9.07 -9.82
C GLU A 126 -2.27 -10.49 -10.21
N GLU A 127 -1.46 -11.47 -9.86
CA GLU A 127 -1.75 -12.85 -10.26
C GLU A 127 -3.04 -13.38 -9.68
N ARG A 128 -3.41 -12.89 -8.53
CA ARG A 128 -4.65 -13.36 -7.87
C ARG A 128 -5.92 -12.64 -8.29
N ASN A 129 -5.78 -11.75 -9.30
CA ASN A 129 -6.90 -10.96 -9.81
C ASN A 129 -7.45 -9.89 -8.91
N TYR A 130 -6.60 -9.33 -8.04
CA TYR A 130 -7.06 -8.24 -7.21
C TYR A 130 -6.38 -6.97 -7.67
N ILE A 131 -6.92 -5.88 -7.17
CA ILE A 131 -6.32 -4.55 -7.34
C ILE A 131 -6.25 -3.97 -5.91
N HIS A 132 -5.36 -3.00 -5.70
CA HIS A 132 -5.17 -2.40 -4.37
C HIS A 132 -5.84 -1.02 -4.29
N ARG A 133 -5.55 -0.17 -5.27
CA ARG A 133 -6.12 1.17 -5.40
C ARG A 133 -5.62 2.24 -4.47
N ASP A 134 -4.75 1.87 -3.53
CA ASP A 134 -4.22 2.86 -2.56
C ASP A 134 -2.73 2.59 -2.40
N LEU A 135 -2.04 2.32 -3.50
CA LEU A 135 -0.63 2.00 -3.44
C LEU A 135 0.16 3.31 -3.36
N ARG A 136 0.88 3.50 -2.27
CA ARG A 136 1.69 4.68 -2.00
C ARG A 136 2.61 4.30 -0.86
N ALA A 137 3.66 5.09 -0.61
CA ALA A 137 4.59 4.73 0.46
C ALA A 137 3.97 4.70 1.86
N ALA A 138 2.92 5.48 2.09
CA ALA A 138 2.24 5.44 3.39
C ALA A 138 1.64 4.07 3.66
N ASN A 139 1.40 3.31 2.60
CA ASN A 139 0.73 2.00 2.73
C ASN A 139 1.64 0.83 2.51
N ILE A 140 2.92 1.08 2.66
CA ILE A 140 3.92 -0.01 2.67
C ILE A 140 4.48 0.01 4.10
N LEU A 141 4.50 -1.15 4.73
CA LEU A 141 5.07 -1.25 6.10
C LEU A 141 6.45 -1.89 6.05
N VAL A 142 7.32 -1.51 7.00
CA VAL A 142 8.69 -1.98 7.03
C VAL A 142 8.96 -2.79 8.29
N SER A 143 9.57 -3.97 8.14
CA SER A 143 9.85 -4.86 9.29
C SER A 143 11.12 -4.46 10.01
N ASP A 144 11.35 -5.15 11.13
CA ASP A 144 12.57 -4.91 11.84
C ASP A 144 13.83 -5.27 11.05
N THR A 145 13.72 -6.15 10.03
CA THR A 145 14.86 -6.55 9.22
C THR A 145 14.94 -5.78 7.91
N LEU A 146 14.12 -4.76 7.81
CA LEU A 146 14.11 -3.85 6.67
C LEU A 146 13.52 -4.50 5.43
N SER A 147 12.59 -5.41 5.66
CA SER A 147 11.84 -5.95 4.52
C SER A 147 10.50 -5.18 4.45
N CYS A 148 9.90 -5.17 3.27
CA CYS A 148 8.69 -4.36 3.10
C CYS A 148 7.50 -5.21 2.73
N LYS A 149 6.32 -4.80 3.18
CA LYS A 149 5.09 -5.54 2.90
C LYS A 149 3.98 -4.57 2.52
N ILE A 150 3.10 -5.02 1.61
CA ILE A 150 1.96 -4.20 1.22
C ILE A 150 0.93 -4.22 2.37
N ALA A 151 0.37 -3.07 2.66
CA ALA A 151 -0.62 -2.94 3.72
C ALA A 151 -1.83 -2.11 3.24
N ASP A 152 -2.79 -1.96 4.14
CA ASP A 152 -4.00 -1.18 3.95
C ASP A 152 -4.82 -1.63 2.76
N PHE A 153 -5.62 -2.65 3.02
CA PHE A 153 -6.43 -3.26 1.98
C PHE A 153 -7.88 -2.76 1.94
N GLY A 154 -8.12 -1.59 2.51
CA GLY A 154 -9.47 -1.04 2.58
C GLY A 154 -10.12 -0.80 1.22
N LEU A 155 -9.32 -0.38 0.25
CA LEU A 155 -9.87 -0.12 -1.09
C LEU A 155 -9.63 -1.26 -2.03
N ALA A 156 -8.96 -2.32 -1.57
CA ALA A 156 -8.64 -3.46 -2.48
C ALA A 156 -9.86 -4.23 -2.92
N ARG A 157 -9.84 -4.76 -4.13
CA ARG A 157 -11.01 -5.45 -4.68
C ARG A 157 -10.64 -6.59 -5.57
N LEU A 158 -11.51 -7.63 -5.57
CA LEU A 158 -11.36 -8.78 -6.45
C LEU A 158 -11.99 -8.31 -7.75
N ILE A 159 -11.22 -8.48 -8.81
CA ILE A 159 -11.57 -8.04 -10.14
C ILE A 159 -12.07 -9.27 -10.97
N GLU A 160 -13.38 -9.32 -11.15
CA GLU A 160 -14.08 -10.41 -11.88
C GLU A 160 -13.81 -10.30 -13.39
N ASP A 161 -13.96 -9.10 -13.92
CA ASP A 161 -13.68 -8.74 -15.30
C ASP A 161 -12.54 -7.72 -15.19
N ASN A 162 -11.75 -7.55 -16.24
CA ASN A 162 -10.59 -6.64 -16.22
C ASN A 162 -10.69 -5.35 -15.36
N GLU A 163 -11.89 -4.78 -15.21
CA GLU A 163 -12.04 -3.49 -14.50
C GLU A 163 -13.06 -3.25 -13.35
N THR A 165 -15.19 -0.31 -11.40
CA THR A 165 -15.65 1.05 -11.57
C THR A 165 -16.19 1.57 -10.23
N ALA A 166 -15.55 2.60 -9.68
CA ALA A 166 -15.94 3.18 -8.39
C ALA A 166 -17.31 3.90 -8.42
N ARG A 167 -17.56 4.75 -7.41
CA ARG A 167 -18.79 5.55 -7.26
C ARG A 167 -18.54 6.97 -7.84
N GLU A 168 -19.43 7.52 -8.70
CA GLU A 168 -19.18 8.85 -9.30
C GLU A 168 -18.65 9.87 -8.30
N GLY A 169 -19.18 9.81 -7.08
CA GLY A 169 -18.77 10.71 -6.02
C GLY A 169 -17.46 10.34 -5.33
N ALA A 170 -17.05 9.07 -5.37
CA ALA A 170 -15.79 8.62 -4.72
C ALA A 170 -14.60 9.43 -5.21
N LYS A 171 -13.74 9.84 -4.28
CA LYS A 171 -12.57 10.65 -4.60
C LYS A 171 -11.27 9.99 -4.18
N PHE A 172 -10.24 10.15 -5.01
CA PHE A 172 -8.91 9.53 -4.76
C PHE A 172 -7.81 10.57 -4.82
N PRO A 173 -6.67 10.34 -4.16
CA PRO A 173 -5.54 11.30 -4.17
C PRO A 173 -5.06 11.45 -5.58
N ILE A 174 -5.17 12.65 -6.08
CA ILE A 174 -4.79 12.92 -7.43
C ILE A 174 -3.37 12.60 -7.81
N LYS A 175 -2.40 12.94 -6.95
CA LYS A 175 -1.02 12.70 -7.33
C LYS A 175 -0.60 11.23 -7.47
N TRP A 176 -1.35 10.31 -6.85
CA TRP A 176 -0.93 8.91 -6.95
C TRP A 176 -1.82 8.07 -7.87
N THR A 177 -2.93 8.66 -8.27
CA THR A 177 -3.94 7.91 -8.99
C THR A 177 -3.81 8.04 -10.52
N ALA A 178 -3.96 6.93 -11.22
CA ALA A 178 -3.85 6.94 -12.69
C ALA A 178 -4.92 7.80 -13.30
N PRO A 179 -4.62 8.40 -14.46
CA PRO A 179 -5.60 9.27 -15.14
C PRO A 179 -6.95 8.64 -15.37
N GLU A 180 -6.98 7.41 -15.87
CA GLU A 180 -8.27 6.74 -16.12
C GLU A 180 -9.12 6.60 -14.87
N ALA A 181 -8.49 6.44 -13.71
CA ALA A 181 -9.25 6.35 -12.48
C ALA A 181 -9.73 7.73 -12.03
N ILE A 182 -8.90 8.75 -12.17
CA ILE A 182 -9.33 10.12 -11.81
C ILE A 182 -10.51 10.58 -12.72
N ASN A 183 -10.36 10.29 -14.01
CA ASN A 183 -11.34 10.73 -15.01
C ASN A 183 -12.63 9.93 -15.13
N TYR A 184 -12.49 8.61 -15.13
CA TYR A 184 -13.63 7.72 -15.29
C TYR A 184 -14.04 6.91 -14.08
N GLY A 185 -13.17 6.83 -13.08
CA GLY A 185 -13.48 6.05 -11.90
C GLY A 185 -13.15 4.59 -12.14
N THR A 186 -12.49 4.33 -13.28
CA THR A 186 -12.13 2.98 -13.70
C THR A 186 -10.75 2.58 -13.19
N PHE A 187 -10.72 1.46 -12.50
CA PHE A 187 -9.45 0.94 -11.96
C PHE A 187 -9.13 -0.45 -12.46
N THR A 188 -7.86 -0.68 -12.81
CA THR A 188 -7.38 -2.02 -13.17
C THR A 188 -6.02 -2.20 -12.50
N ILE A 189 -5.42 -3.39 -12.64
CA ILE A 189 -4.10 -3.55 -12.08
C ILE A 189 -3.11 -2.52 -12.72
N LYS A 190 -3.43 -2.06 -13.96
CA LYS A 190 -2.57 -1.08 -14.60
C LYS A 190 -2.63 0.31 -13.92
N SER A 191 -3.71 0.61 -13.20
CA SER A 191 -3.86 1.85 -12.41
C SER A 191 -2.88 1.71 -11.24
N ASP A 192 -2.77 0.50 -10.70
CA ASP A 192 -1.82 0.30 -9.60
C ASP A 192 -0.40 0.46 -10.09
N VAL A 193 -0.11 0.05 -11.33
CA VAL A 193 1.21 0.20 -11.92
C VAL A 193 1.56 1.70 -11.99
N TRP A 194 0.59 2.54 -12.38
CA TRP A 194 0.82 3.98 -12.41
C TRP A 194 1.26 4.42 -10.97
N SER A 195 0.46 4.05 -9.99
CA SER A 195 0.71 4.42 -8.62
C SER A 195 2.09 3.99 -8.19
N PHE A 196 2.48 2.75 -8.56
CA PHE A 196 3.82 2.25 -8.24
C PHE A 196 4.91 3.18 -8.77
N GLY A 197 4.71 3.70 -9.97
CA GLY A 197 5.70 4.64 -10.45
C GLY A 197 5.83 5.84 -9.50
N ILE A 198 4.70 6.37 -9.04
CA ILE A 198 4.71 7.50 -8.13
C ILE A 198 5.40 7.04 -6.83
N LEU A 199 5.06 5.82 -6.40
CA LEU A 199 5.71 5.33 -5.16
C LEU A 199 7.26 5.30 -5.31
N LEU A 200 7.75 4.90 -6.48
CA LEU A 200 9.19 4.86 -6.71
C LEU A 200 9.76 6.29 -6.47
N THR A 201 9.03 7.35 -6.82
CA THR A 201 9.56 8.71 -6.55
C THR A 201 9.66 8.93 -5.04
N GLU A 202 8.68 8.45 -4.31
CA GLU A 202 8.71 8.58 -2.83
C GLU A 202 9.93 7.87 -2.28
N ILE A 203 10.27 6.71 -2.81
CA ILE A 203 11.42 6.00 -2.29
C ILE A 203 12.73 6.71 -2.52
N VAL A 204 12.91 7.20 -3.73
CA VAL A 204 14.18 7.84 -4.08
C VAL A 204 14.33 9.26 -3.47
N THR A 205 13.25 9.89 -3.07
CA THR A 205 13.35 11.22 -2.45
C THR A 205 13.19 11.15 -0.92
N HIS A 206 13.29 9.93 -0.37
CA HIS A 206 13.09 9.76 1.07
C HIS A 206 11.80 10.34 1.61
N GLY A 207 10.72 10.01 0.90
CA GLY A 207 9.39 10.40 1.33
C GLY A 207 8.83 11.74 0.94
N ARG A 208 9.46 12.43 -0.02
CA ARG A 208 8.97 13.74 -0.47
C ARG A 208 7.63 13.55 -1.19
N ILE A 209 6.79 14.59 -1.17
CA ILE A 209 5.47 14.55 -1.84
C ILE A 209 5.72 14.63 -3.34
N PRO A 210 5.03 13.79 -4.13
CA PRO A 210 5.23 13.82 -5.58
C PRO A 210 4.87 15.15 -6.22
N TYR A 211 5.43 15.40 -7.40
CA TYR A 211 5.17 16.67 -8.13
C TYR A 211 5.42 17.87 -7.26
N PRO A 212 6.68 18.04 -6.87
CA PRO A 212 7.03 19.17 -6.03
C PRO A 212 6.67 20.56 -6.55
N GLY A 213 6.03 21.31 -5.67
CA GLY A 213 5.65 22.68 -5.96
C GLY A 213 4.44 22.81 -6.86
N MET A 214 3.72 21.70 -7.01
CA MET A 214 2.54 21.71 -7.86
C MET A 214 1.25 21.36 -7.16
N THR A 215 0.19 22.09 -7.51
CA THR A 215 -1.14 21.80 -7.00
C THR A 215 -1.76 20.67 -7.84
N ASN A 216 -2.88 20.13 -7.38
CA ASN A 216 -3.55 19.09 -8.17
C ASN A 216 -4.00 19.55 -9.55
N PRO A 217 -4.56 20.78 -9.67
CA PRO A 217 -4.96 21.19 -11.03
C PRO A 217 -3.73 21.31 -11.93
N GLU A 218 -2.60 21.73 -11.38
CA GLU A 218 -1.36 21.84 -12.18
C GLU A 218 -0.88 20.46 -12.64
N VAL A 219 -0.98 19.46 -11.76
CA VAL A 219 -0.56 18.10 -12.12
C VAL A 219 -1.42 17.61 -13.26
N ILE A 220 -2.73 17.82 -13.13
CA ILE A 220 -3.67 17.36 -14.16
C ILE A 220 -3.41 18.02 -15.50
N GLN A 221 -3.18 19.33 -15.43
CA GLN A 221 -2.90 20.12 -16.63
C GLN A 221 -1.63 19.59 -17.32
N ASN A 222 -0.57 19.36 -16.55
CA ASN A 222 0.69 18.91 -17.12
C ASN A 222 0.56 17.49 -17.71
N LEU A 223 -0.10 16.59 -16.99
CA LEU A 223 -0.26 15.26 -17.48
C LEU A 223 -0.95 15.28 -18.85
N GLU A 224 -1.98 16.12 -18.96
CA GLU A 224 -2.73 16.17 -20.21
C GLU A 224 -1.94 16.68 -21.38
N ARG A 225 -0.85 17.42 -21.11
CA ARG A 225 0.04 17.91 -22.17
C ARG A 225 1.05 16.84 -22.58
N GLY A 226 1.13 15.73 -21.83
CA GLY A 226 2.09 14.69 -22.12
C GLY A 226 3.30 14.76 -21.21
N TYR A 227 3.30 15.71 -20.31
CA TYR A 227 4.45 15.80 -19.38
C TYR A 227 4.24 14.77 -18.30
N ARG A 228 5.35 14.39 -17.67
CA ARG A 228 5.28 13.51 -16.49
C ARG A 228 6.12 14.19 -15.43
N MET A 229 6.14 13.59 -14.22
CA MET A 229 6.88 14.21 -13.13
C MET A 229 8.34 14.50 -13.50
N VAL A 230 8.82 15.71 -13.14
CA VAL A 230 10.19 16.09 -13.39
C VAL A 230 11.16 15.13 -12.69
N ARG A 231 12.29 14.81 -13.30
CA ARG A 231 13.28 13.92 -12.64
C ARG A 231 13.57 14.39 -11.21
N PRO A 232 13.33 13.48 -10.24
CA PRO A 232 13.60 13.85 -8.86
C PRO A 232 15.08 14.06 -8.70
N ASP A 233 15.46 14.84 -7.68
CA ASP A 233 16.87 15.04 -7.40
C ASP A 233 17.54 13.70 -7.09
N ASN A 234 18.75 13.54 -7.65
CA ASN A 234 19.59 12.36 -7.47
C ASN A 234 18.92 11.02 -7.81
N CYS A 235 17.99 11.04 -8.74
CA CYS A 235 17.32 9.78 -9.12
C CYS A 235 18.09 9.16 -10.29
N PRO A 236 18.53 7.90 -10.18
CA PRO A 236 19.25 7.25 -11.28
C PRO A 236 18.36 7.26 -12.53
N GLU A 237 18.96 7.49 -13.70
CA GLU A 237 18.16 7.57 -14.91
C GLU A 237 17.49 6.25 -15.29
N GLU A 238 18.12 5.13 -14.97
CA GLU A 238 17.49 3.85 -15.25
C GLU A 238 16.20 3.75 -14.45
N LEU A 239 16.25 4.19 -13.19
CA LEU A 239 15.03 4.14 -12.40
C LEU A 239 13.97 5.11 -12.97
N TYR A 240 14.43 6.31 -13.37
CA TYR A 240 13.47 7.24 -13.91
C TYR A 240 12.78 6.68 -15.16
N GLN A 241 13.55 6.01 -16.03
CA GLN A 241 12.93 5.45 -17.25
C GLN A 241 11.98 4.28 -16.89
N LEU A 242 12.18 3.65 -15.73
CA LEU A 242 11.25 2.61 -15.30
C LEU A 242 9.93 3.26 -14.83
N MET A 243 10.03 4.40 -14.12
CA MET A 243 8.86 5.16 -13.69
C MET A 243 8.10 5.58 -14.95
N ARG A 244 8.83 6.01 -15.98
CA ARG A 244 8.11 6.46 -17.20
C ARG A 244 7.29 5.33 -17.82
N LEU A 245 7.78 4.09 -17.78
CA LEU A 245 7.00 2.97 -18.32
C LEU A 245 5.69 2.83 -17.54
N CYS A 246 5.74 3.07 -16.22
CA CYS A 246 4.55 2.99 -15.42
C CYS A 246 3.53 4.08 -15.69
N TRP A 247 4.01 5.17 -16.34
CA TRP A 247 3.15 6.30 -16.61
C TRP A 247 2.77 6.43 -18.05
N LYS A 248 2.81 5.33 -18.78
CA LYS A 248 2.37 5.39 -20.17
C LYS A 248 0.89 5.75 -20.19
N GLU A 249 0.49 6.43 -21.28
CA GLU A 249 -0.88 6.89 -21.39
C GLU A 249 -1.92 5.78 -21.41
N ARG A 250 -1.68 4.79 -22.25
CA ARG A 250 -2.66 3.69 -22.36
C ARG A 250 -2.32 2.68 -21.28
N PRO A 251 -3.31 2.34 -20.43
CA PRO A 251 -3.07 1.36 -19.36
C PRO A 251 -2.46 0.07 -19.87
N GLU A 252 -2.95 -0.43 -21.02
CA GLU A 252 -2.41 -1.67 -21.52
C GLU A 252 -0.92 -1.64 -21.95
N ASP A 253 -0.35 -0.44 -22.09
CA ASP A 253 1.05 -0.32 -22.48
C ASP A 253 1.98 -0.30 -21.27
N ARG A 254 1.39 -0.17 -20.08
CA ARG A 254 2.19 -0.17 -18.84
C ARG A 254 2.63 -1.60 -18.56
N PRO A 255 3.78 -1.78 -17.94
CA PRO A 255 4.33 -3.11 -17.63
C PRO A 255 3.54 -3.86 -16.57
N THR A 256 3.83 -5.16 -16.47
CA THR A 256 3.25 -5.94 -15.38
C THR A 256 4.13 -5.78 -14.16
N PHE A 257 3.55 -6.09 -13.01
CA PHE A 257 4.34 -6.09 -11.78
C PHE A 257 5.43 -7.16 -11.82
N ASP A 258 5.18 -8.30 -12.46
CA ASP A 258 6.27 -9.26 -12.54
C ASP A 258 7.46 -8.70 -13.31
N TYR A 259 7.19 -7.95 -14.41
CA TYR A 259 8.25 -7.31 -15.16
C TYR A 259 8.99 -6.30 -14.28
N LEU A 260 8.23 -5.46 -13.58
CA LEU A 260 8.81 -4.44 -12.69
C LEU A 260 9.70 -5.09 -11.63
N ARG A 261 9.21 -6.18 -11.03
CA ARG A 261 10.00 -6.88 -10.04
C ARG A 261 11.32 -7.41 -10.63
N SER A 262 11.24 -7.98 -11.84
CA SER A 262 12.41 -8.54 -12.46
C SER A 262 13.46 -7.49 -12.77
N VAL A 263 13.03 -6.32 -13.27
CA VAL A 263 13.97 -5.28 -13.61
C VAL A 263 14.57 -4.71 -12.35
N LEU A 264 13.75 -4.46 -11.33
CA LEU A 264 14.27 -3.87 -10.08
C LEU A 264 15.29 -4.80 -9.39
N GLU A 265 15.08 -6.10 -9.53
CA GLU A 265 16.05 -7.06 -9.00
C GLU A 265 17.37 -6.96 -9.74
N ASP A 266 17.30 -6.74 -11.06
CA ASP A 266 18.52 -6.62 -11.83
C ASP A 266 19.25 -5.34 -11.45
N PHE A 267 18.50 -4.26 -11.22
CA PHE A 267 19.08 -2.98 -10.83
C PHE A 267 19.82 -3.12 -9.48
N PHE A 268 19.20 -3.88 -8.58
CA PHE A 268 19.76 -4.13 -7.24
C PHE A 268 20.99 -5.02 -7.29
N THR A 269 20.93 -6.11 -8.06
CA THR A 269 22.04 -7.03 -8.08
C THR A 269 23.21 -6.41 -8.81
N ALA A 270 22.93 -5.35 -9.56
CA ALA A 270 23.96 -4.61 -10.27
C ALA A 270 24.60 -3.63 -9.28
N THR A 271 23.79 -2.78 -8.64
CA THR A 271 24.29 -1.79 -7.67
C THR A 271 24.93 -2.42 -6.42
N GLU A 272 24.99 -1.73 -5.36
#